data_2M4W
#
_entry.id   2M4W
#
_entity_poly.entity_id   1
_entity_poly.type   'polyribonucleotide'
_entity_poly.pdbx_seq_one_letter_code
;GGAAUCGAAAGAUGUCC
;
_entity_poly.pdbx_strand_id   A
#
loop_
_chem_comp.id
_chem_comp.type
_chem_comp.name
_chem_comp.formula
A RNA linking ADENOSINE-5'-MONOPHOSPHATE 'C10 H14 N5 O7 P'
C RNA linking CYTIDINE-5'-MONOPHOSPHATE 'C9 H14 N3 O8 P'
G RNA linking GUANOSINE-5'-MONOPHOSPHATE 'C10 H14 N5 O8 P'
U RNA linking URIDINE-5'-MONOPHOSPHATE 'C9 H13 N2 O9 P'
#